data_5TD2
#
_entry.id   5TD2
#
_cell.length_a   51.157
_cell.length_b   91.942
_cell.length_c   69.655
_cell.angle_alpha   90.000
_cell.angle_beta   99.510
_cell.angle_gamma   90.000
#
_symmetry.space_group_name_H-M   'P 1 21 1'
#
loop_
_entity.id
_entity.type
_entity.pdbx_description
1 polymer 'Tyrosine-protein kinase Mer'
2 non-polymer N-[2-{4-[(2S)-4-(methylsulfonyl)morpholin-2-yl]-1,3-thiazol-2-yl}-4-(morpholin-4-yl)phenyl]-1H-imidazole-2-carboxamide
3 water water
#
_entity_poly.entity_id   1
_entity_poly.type   'polypeptide(L)'
_entity_poly.pdbx_seq_one_letter_code
;LEDVVIDRNLLILGKILGEGEFGSVMEGNLKQEDGTSLKVAVKTMKLDNSSQREIEEFLSEAACMKDFSHPNVMRLLGVC
IEMSSQGIPKPMVILPFMKYGDLHTYLLYSRLETGPKHIPLQTLLKFMVDIALGMEYLSNRNFLHRDLAARNCMLRDDMT
VCVADFGLSKKIYSGDYYRQGRIAKMPVKWIAIESLADRVYTSKSDVWAFGVTMWEIATRGMTPYPGVQNHEMYDYLLHG
HRLKQPEDCLDELYEIMYSCWRTDPLDRPTFSVLRLQLEKLLESL
;
_entity_poly.pdbx_strand_id   A,B
#
# COMPACT_ATOMS: atom_id res chain seq x y z
N LEU A 1 -0.29 -15.58 -39.44
CA LEU A 1 -1.32 -14.50 -39.66
C LEU A 1 -0.77 -13.06 -39.44
N GLU A 2 0.02 -12.55 -40.39
CA GLU A 2 0.88 -11.37 -40.17
C GLU A 2 0.42 -10.10 -40.90
N ASP A 3 -0.86 -9.80 -40.79
CA ASP A 3 -1.46 -8.62 -41.44
C ASP A 3 -1.14 -7.32 -40.67
N VAL A 4 -0.74 -7.43 -39.40
CA VAL A 4 -0.50 -6.28 -38.50
C VAL A 4 0.99 -6.03 -38.16
N VAL A 5 1.90 -6.79 -38.76
CA VAL A 5 3.33 -6.74 -38.43
C VAL A 5 4.01 -5.48 -39.00
N ILE A 6 5.06 -5.03 -38.30
CA ILE A 6 5.90 -3.90 -38.69
C ILE A 6 7.34 -4.41 -38.86
N ASP A 7 8.07 -3.81 -39.81
CA ASP A 7 9.50 -4.11 -40.03
C ASP A 7 10.32 -3.64 -38.85
N ARG A 8 11.08 -4.57 -38.26
CA ARG A 8 11.87 -4.31 -37.05
C ARG A 8 12.79 -3.07 -37.12
N ASN A 9 13.34 -2.78 -38.29
CA ASN A 9 14.23 -1.62 -38.47
C ASN A 9 13.55 -0.24 -38.30
N LEU A 10 12.23 -0.19 -38.45
CA LEU A 10 11.43 1.02 -38.15
C LEU A 10 11.33 1.35 -36.64
N LEU A 11 11.69 0.39 -35.79
CA LEU A 11 11.59 0.52 -34.33
C LEU A 11 12.97 0.69 -33.68
N ILE A 12 13.05 1.64 -32.75
CA ILE A 12 14.22 1.87 -31.92
C ILE A 12 13.76 1.80 -30.46
N LEU A 13 14.29 0.85 -29.70
CA LEU A 13 13.95 0.67 -28.28
C LEU A 13 14.87 1.49 -27.38
N GLY A 14 14.38 1.76 -26.17
CA GLY A 14 15.10 2.54 -25.18
C GLY A 14 14.89 2.04 -23.75
N LYS A 15 14.64 2.98 -22.84
CA LYS A 15 14.61 2.69 -21.40
C LYS A 15 13.36 1.95 -20.96
N ILE A 16 13.40 1.43 -19.73
CA ILE A 16 12.29 0.65 -19.18
C ILE A 16 11.23 1.60 -18.62
N LEU A 17 9.96 1.28 -18.85
CA LEU A 17 8.82 2.03 -18.31
C LEU A 17 8.15 1.28 -17.18
N GLY A 18 7.98 -0.03 -17.34
CA GLY A 18 7.45 -0.88 -16.28
C GLY A 18 7.67 -2.34 -16.61
N GLU A 19 7.12 -3.21 -15.76
CA GLU A 19 7.22 -4.66 -15.94
C GLU A 19 5.83 -5.25 -16.14
N GLY A 20 5.62 -5.87 -17.30
CA GLY A 20 4.43 -6.65 -17.58
C GLY A 20 4.58 -8.07 -17.10
N GLU A 21 3.62 -8.91 -17.48
CA GLU A 21 3.55 -10.30 -17.02
C GLU A 21 4.63 -11.17 -17.65
N PHE A 22 4.81 -11.03 -18.97
CA PHE A 22 5.78 -11.82 -19.72
C PHE A 22 7.16 -11.14 -19.90
N GLY A 23 7.28 -9.88 -19.49
CA GLY A 23 8.55 -9.18 -19.57
C GLY A 23 8.48 -7.69 -19.29
N SER A 24 9.50 -6.96 -19.75
CA SER A 24 9.60 -5.53 -19.54
C SER A 24 8.85 -4.74 -20.60
N VAL A 25 8.23 -3.64 -20.19
CA VAL A 25 7.66 -2.66 -21.11
C VAL A 25 8.70 -1.55 -21.25
N MET A 26 9.14 -1.32 -22.49
CA MET A 26 10.16 -0.32 -22.80
C MET A 26 9.55 0.84 -23.58
N GLU A 27 10.13 2.01 -23.40
CA GLU A 27 9.85 3.13 -24.29
C GLU A 27 10.53 2.89 -25.63
N GLY A 28 9.97 3.47 -26.68
CA GLY A 28 10.53 3.32 -28.01
C GLY A 28 10.13 4.42 -28.98
N ASN A 29 10.79 4.39 -30.14
CA ASN A 29 10.51 5.31 -31.23
C ASN A 29 10.13 4.49 -32.45
N LEU A 30 8.94 4.75 -32.99
CA LEU A 30 8.45 4.08 -34.18
C LEU A 30 8.49 5.05 -35.36
N LYS A 31 9.25 4.69 -36.40
CA LYS A 31 9.25 5.44 -37.66
C LYS A 31 7.97 5.09 -38.43
N GLN A 32 7.14 6.09 -38.69
CA GLN A 32 5.84 5.89 -39.33
C GLN A 32 5.97 5.97 -40.86
N GLU A 33 4.90 5.57 -41.55
CA GLU A 33 4.90 5.53 -43.02
C GLU A 33 5.00 6.93 -43.64
N ASP A 34 4.48 7.95 -42.95
CA ASP A 34 4.63 9.34 -43.38
C ASP A 34 6.02 9.95 -43.11
N GLY A 35 6.99 9.14 -42.66
CA GLY A 35 8.37 9.59 -42.45
C GLY A 35 8.71 9.97 -41.01
N THR A 36 7.72 10.49 -40.27
CA THR A 36 7.93 10.99 -38.90
C THR A 36 8.08 9.87 -37.89
N SER A 37 8.58 10.23 -36.71
CA SER A 37 8.75 9.26 -35.61
C SER A 37 7.83 9.58 -34.45
N LEU A 38 7.32 8.53 -33.82
CA LEU A 38 6.34 8.61 -32.74
C LEU A 38 6.86 7.87 -31.52
N LYS A 39 6.66 8.47 -30.35
CA LYS A 39 6.99 7.81 -29.09
C LYS A 39 6.01 6.65 -28.86
N VAL A 40 6.53 5.48 -28.53
CA VAL A 40 5.69 4.30 -28.30
C VAL A 40 6.12 3.56 -27.04
N ALA A 41 5.23 2.69 -26.57
CA ALA A 41 5.54 1.72 -25.53
C ALA A 41 5.61 0.34 -26.18
N VAL A 42 6.58 -0.47 -25.76
CA VAL A 42 6.83 -1.78 -26.35
C VAL A 42 6.90 -2.87 -25.28
N LYS A 43 5.83 -3.67 -25.17
CA LYS A 43 5.86 -4.88 -24.32
C LYS A 43 6.66 -5.98 -24.98
N THR A 44 7.57 -6.61 -24.23
CA THR A 44 8.50 -7.62 -24.76
C THR A 44 8.46 -9.03 -24.16
N MET A 45 9.04 -9.98 -24.90
CA MET A 45 9.37 -11.34 -24.44
C MET A 45 8.14 -12.23 -24.20
N ALA A 62 -2.87 -9.49 -28.08
CA ALA A 62 -2.63 -8.69 -29.33
C ALA A 62 -3.64 -8.97 -30.45
N ALA A 63 -4.06 -10.24 -30.59
CA ALA A 63 -5.14 -10.60 -31.51
C ALA A 63 -6.47 -9.94 -31.12
N CYS A 64 -6.72 -9.89 -29.80
CA CYS A 64 -7.88 -9.18 -29.25
C CYS A 64 -7.86 -7.69 -29.51
N MET A 65 -6.68 -7.08 -29.32
CA MET A 65 -6.51 -5.64 -29.49
C MET A 65 -6.74 -5.17 -30.92
N LYS A 66 -6.30 -5.96 -31.90
CA LYS A 66 -6.49 -5.62 -33.33
C LYS A 66 -7.96 -5.32 -33.65
N ASP A 67 -8.88 -6.08 -33.06
CA ASP A 67 -10.31 -5.88 -33.32
C ASP A 67 -10.94 -4.62 -32.68
N PHE A 68 -10.20 -3.87 -31.85
CA PHE A 68 -10.72 -2.70 -31.09
C PHE A 68 -10.40 -1.30 -31.64
N SER A 69 -11.45 -0.49 -31.79
CA SER A 69 -11.32 0.93 -32.09
C SER A 69 -12.29 1.72 -31.21
N HIS A 70 -11.77 2.34 -30.16
CA HIS A 70 -12.56 3.17 -29.24
C HIS A 70 -11.61 4.06 -28.43
N PRO A 71 -11.97 5.34 -28.16
CA PRO A 71 -11.02 6.25 -27.48
C PRO A 71 -10.54 5.75 -26.12
N ASN A 72 -11.46 5.23 -25.32
CA ASN A 72 -11.17 4.68 -23.98
C ASN A 72 -10.75 3.21 -23.94
N VAL A 73 -10.21 2.70 -25.04
CA VAL A 73 -9.65 1.35 -25.11
C VAL A 73 -8.34 1.44 -25.87
N MET A 74 -7.27 0.91 -25.29
CA MET A 74 -5.96 0.96 -25.93
C MET A 74 -5.99 0.19 -27.25
N ARG A 75 -5.35 0.79 -28.26
CA ARG A 75 -5.29 0.30 -29.62
C ARG A 75 -3.92 -0.34 -29.90
N LEU A 76 -3.90 -1.21 -30.90
CA LEU A 76 -2.71 -1.89 -31.35
C LEU A 76 -2.07 -1.10 -32.48
N LEU A 77 -0.82 -0.68 -32.28
CA LEU A 77 -0.05 0.00 -33.33
C LEU A 77 0.61 -1.00 -34.28
N GLY A 78 1.16 -2.07 -33.72
CA GLY A 78 1.62 -3.20 -34.51
C GLY A 78 2.32 -4.27 -33.71
N VAL A 79 2.96 -5.20 -34.42
CA VAL A 79 3.79 -6.27 -33.83
C VAL A 79 5.14 -6.29 -34.55
N CYS A 80 6.20 -6.63 -33.82
CA CYS A 80 7.52 -6.88 -34.39
C CYS A 80 8.04 -8.20 -33.84
N ILE A 81 8.79 -8.93 -34.67
CA ILE A 81 9.51 -10.11 -34.21
C ILE A 81 10.97 -9.96 -34.64
N GLU A 82 11.82 -9.62 -33.67
CA GLU A 82 13.27 -9.63 -33.85
C GLU A 82 13.78 -11.04 -33.56
N MET A 83 14.78 -11.47 -34.32
CA MET A 83 15.43 -12.76 -34.08
C MET A 83 16.75 -12.51 -33.37
N SER A 84 17.02 -13.30 -32.32
CA SER A 84 18.27 -13.18 -31.57
C SER A 84 19.38 -13.89 -32.34
N SER A 85 19.81 -15.07 -31.88
CA SER A 85 21.00 -15.75 -32.38
C SER A 85 21.26 -17.06 -31.65
N PRO A 91 9.08 -11.84 -29.61
CA PRO A 91 8.17 -10.86 -30.20
C PRO A 91 7.94 -9.63 -29.32
N MET A 92 7.42 -8.56 -29.94
CA MET A 92 7.21 -7.28 -29.27
C MET A 92 5.89 -6.64 -29.72
N VAL A 93 4.98 -6.41 -28.78
CA VAL A 93 3.73 -5.69 -29.11
C VAL A 93 3.94 -4.18 -28.90
N ILE A 94 3.63 -3.40 -29.92
CA ILE A 94 3.83 -1.93 -29.91
C ILE A 94 2.50 -1.29 -29.55
N LEU A 95 2.52 -0.42 -28.53
CA LEU A 95 1.33 0.26 -28.02
C LEU A 95 1.60 1.77 -27.92
N PRO A 96 0.54 2.61 -27.84
CA PRO A 96 0.75 4.04 -27.70
C PRO A 96 1.37 4.42 -26.35
N PHE A 97 2.22 5.45 -26.35
CA PHE A 97 2.82 5.96 -25.12
C PHE A 97 1.81 6.74 -24.27
N MET A 98 1.63 6.27 -23.04
CA MET A 98 0.75 6.87 -22.05
C MET A 98 1.62 7.66 -21.06
N LYS A 99 1.66 8.98 -21.19
CA LYS A 99 2.71 9.77 -20.52
C LYS A 99 2.56 9.89 -19.01
N TYR A 100 1.34 9.76 -18.50
CA TYR A 100 1.12 9.74 -17.04
C TYR A 100 1.07 8.33 -16.42
N GLY A 101 1.24 7.29 -17.24
CA GLY A 101 1.37 5.93 -16.75
C GLY A 101 0.06 5.34 -16.28
N ASP A 102 0.15 4.32 -15.43
CA ASP A 102 -1.04 3.67 -14.88
C ASP A 102 -1.78 4.62 -13.94
N LEU A 103 -3.09 4.39 -13.79
CA LEU A 103 -3.94 5.29 -13.02
C LEU A 103 -3.69 5.17 -11.52
N HIS A 104 -3.49 3.94 -11.03
CA HIS A 104 -3.23 3.67 -9.61
C HIS A 104 -2.07 4.51 -9.09
N THR A 105 -0.94 4.44 -9.77
CA THR A 105 0.26 5.19 -9.39
C THR A 105 0.07 6.71 -9.52
N TYR A 106 -0.69 7.14 -10.52
CA TYR A 106 -1.03 8.57 -10.69
C TYR A 106 -1.85 9.08 -9.50
N LEU A 107 -2.79 8.25 -9.03
CA LEU A 107 -3.59 8.61 -7.86
C LEU A 107 -2.74 8.72 -6.60
N LEU A 108 -1.79 7.81 -6.44
CA LEU A 108 -0.89 7.84 -5.28
C LEU A 108 -0.11 9.16 -5.29
N TYR A 109 0.53 9.48 -6.41
CA TYR A 109 1.26 10.75 -6.55
C TYR A 109 0.41 11.99 -6.27
N SER A 110 -0.87 11.95 -6.60
CA SER A 110 -1.77 13.10 -6.38
C SER A 110 -1.89 13.51 -4.90
N ARG A 111 -1.64 12.58 -3.99
CA ARG A 111 -1.61 12.85 -2.55
C ARG A 111 -0.28 13.43 -2.02
N LEU A 112 0.74 13.54 -2.88
CA LEU A 112 2.03 14.12 -2.51
C LEU A 112 2.21 15.47 -3.24
N GLU A 113 3.45 15.94 -3.46
CA GLU A 113 3.71 17.27 -4.03
C GLU A 113 4.85 17.27 -5.04
N THR A 114 4.54 16.90 -6.29
CA THR A 114 5.49 17.02 -7.40
C THR A 114 4.78 17.25 -8.75
N GLY A 115 4.15 16.21 -9.30
CA GLY A 115 3.62 16.25 -10.67
C GLY A 115 2.25 16.89 -10.79
N PRO A 116 1.19 16.17 -10.35
CA PRO A 116 -0.18 16.70 -10.40
C PRO A 116 -0.60 17.40 -9.11
N LYS A 117 -1.61 18.28 -9.22
CA LYS A 117 -2.14 19.01 -8.07
C LYS A 117 -3.23 18.16 -7.40
N HIS A 118 -3.94 18.74 -6.42
CA HIS A 118 -5.13 18.11 -5.85
C HIS A 118 -6.20 17.88 -6.91
N ILE A 119 -6.56 16.60 -7.10
CA ILE A 119 -7.54 16.19 -8.11
C ILE A 119 -8.92 16.34 -7.48
N PRO A 120 -9.78 17.20 -8.06
CA PRO A 120 -11.15 17.34 -7.52
C PRO A 120 -12.07 16.18 -7.87
N LEU A 121 -13.26 16.18 -7.27
CA LEU A 121 -14.24 15.10 -7.43
C LEU A 121 -14.67 14.87 -8.89
N GLN A 122 -14.80 15.96 -9.65
CA GLN A 122 -15.29 15.88 -11.04
C GLN A 122 -14.27 15.18 -11.94
N THR A 123 -12.98 15.39 -11.67
CA THR A 123 -11.90 14.74 -12.41
C THR A 123 -11.83 13.23 -12.13
N LEU A 124 -12.09 12.86 -10.88
CA LEU A 124 -12.15 11.44 -10.49
C LEU A 124 -13.33 10.73 -11.15
N LEU A 125 -14.47 11.42 -11.22
CA LEU A 125 -15.66 10.89 -11.92
C LEU A 125 -15.41 10.72 -13.42
N LYS A 126 -14.68 11.67 -14.01
CA LYS A 126 -14.31 11.57 -15.43
C LYS A 126 -13.48 10.31 -15.71
N PHE A 127 -12.52 10.01 -14.82
CA PHE A 127 -11.76 8.75 -14.89
C PHE A 127 -12.67 7.54 -14.83
N MET A 128 -13.66 7.59 -13.93
CA MET A 128 -14.66 6.53 -13.83
C MET A 128 -15.51 6.43 -15.08
N VAL A 129 -15.94 7.59 -15.62
CA VAL A 129 -16.75 7.62 -16.84
C VAL A 129 -15.94 7.08 -18.01
N ASP A 130 -14.70 7.54 -18.18
CA ASP A 130 -13.79 7.04 -19.22
C ASP A 130 -13.70 5.52 -19.20
N ILE A 131 -13.44 4.96 -18.03
CA ILE A 131 -13.33 3.49 -17.87
C ILE A 131 -14.66 2.80 -18.20
N ALA A 132 -15.77 3.37 -17.73
CA ALA A 132 -17.11 2.87 -18.04
C ALA A 132 -17.39 2.84 -19.55
N LEU A 133 -17.02 3.92 -20.25
CA LEU A 133 -17.13 3.96 -21.73
C LEU A 133 -16.29 2.87 -22.38
N GLY A 134 -15.03 2.77 -21.97
CA GLY A 134 -14.14 1.71 -22.42
C GLY A 134 -14.72 0.32 -22.24
N MET A 135 -15.30 0.09 -21.06
CA MET A 135 -15.89 -1.21 -20.75
C MET A 135 -17.23 -1.42 -21.45
N GLU A 136 -18.00 -0.35 -21.63
CA GLU A 136 -19.27 -0.43 -22.37
C GLU A 136 -19.01 -0.98 -23.77
N TYR A 137 -18.01 -0.40 -24.44
CA TYR A 137 -17.55 -0.83 -25.77
C TYR A 137 -17.14 -2.30 -25.82
N LEU A 138 -16.24 -2.69 -24.92
CA LEU A 138 -15.78 -4.08 -24.83
C LEU A 138 -16.90 -5.06 -24.47
N SER A 139 -17.83 -4.59 -23.64
CA SER A 139 -18.99 -5.39 -23.22
C SER A 139 -19.94 -5.67 -24.38
N ASN A 140 -20.11 -4.69 -25.29
CA ASN A 140 -20.93 -4.88 -26.49
C ASN A 140 -20.33 -5.86 -27.49
N ARG A 141 -19.00 -5.92 -27.56
CA ARG A 141 -18.30 -6.95 -28.36
C ARG A 141 -18.29 -8.33 -27.67
N ASN A 142 -18.95 -8.46 -26.52
CA ASN A 142 -18.91 -9.68 -25.68
C ASN A 142 -17.49 -10.13 -25.34
N PHE A 143 -16.63 -9.14 -25.09
CA PHE A 143 -15.24 -9.37 -24.72
C PHE A 143 -15.09 -9.15 -23.23
N LEU A 144 -14.51 -10.15 -22.55
CA LEU A 144 -14.33 -10.13 -21.10
C LEU A 144 -12.89 -9.74 -20.77
N HIS A 145 -12.73 -8.70 -19.96
CA HIS A 145 -11.41 -8.17 -19.59
C HIS A 145 -10.64 -9.15 -18.68
N ARG A 146 -11.29 -9.59 -17.61
CA ARG A 146 -10.76 -10.57 -16.64
C ARG A 146 -9.65 -10.05 -15.69
N ASP A 147 -9.38 -8.74 -15.73
CA ASP A 147 -8.25 -8.16 -14.97
C ASP A 147 -8.37 -6.63 -14.87
N LEU A 148 -9.56 -6.15 -14.56
CA LEU A 148 -9.82 -4.72 -14.49
C LEU A 148 -9.41 -4.19 -13.12
N ALA A 149 -8.53 -3.19 -13.13
CA ALA A 149 -8.05 -2.54 -11.91
C ALA A 149 -7.42 -1.22 -12.29
N ALA A 150 -7.24 -0.33 -11.31
CA ALA A 150 -6.63 0.98 -11.59
C ALA A 150 -5.21 0.90 -12.15
N ARG A 151 -4.45 -0.12 -11.75
CA ARG A 151 -3.10 -0.36 -12.30
C ARG A 151 -3.12 -0.72 -13.79
N ASN A 152 -4.22 -1.32 -14.25
CA ASN A 152 -4.41 -1.67 -15.67
C ASN A 152 -5.12 -0.61 -16.51
N CYS A 153 -5.43 0.55 -15.91
CA CYS A 153 -5.98 1.70 -16.63
C CYS A 153 -4.86 2.72 -16.83
N MET A 154 -4.67 3.15 -18.07
CA MET A 154 -3.56 4.03 -18.43
C MET A 154 -4.03 5.44 -18.76
N LEU A 155 -3.11 6.38 -18.72
CA LEU A 155 -3.40 7.81 -18.91
C LEU A 155 -2.76 8.35 -20.18
N ARG A 156 -3.61 8.80 -21.10
CA ARG A 156 -3.16 9.47 -22.31
C ARG A 156 -2.63 10.88 -22.03
N ASP A 157 -1.89 11.41 -22.99
CA ASP A 157 -1.30 12.75 -22.93
C ASP A 157 -2.31 13.88 -22.76
N ASP A 158 -3.57 13.65 -23.18
CA ASP A 158 -4.69 14.59 -22.98
C ASP A 158 -5.53 14.37 -21.70
N MET A 159 -5.00 13.59 -20.75
CA MET A 159 -5.67 13.27 -19.48
C MET A 159 -6.90 12.34 -19.56
N THR A 160 -7.17 11.75 -20.73
CA THR A 160 -8.22 10.73 -20.83
C THR A 160 -7.66 9.38 -20.40
N VAL A 161 -8.53 8.54 -19.84
CA VAL A 161 -8.17 7.19 -19.41
C VAL A 161 -8.61 6.19 -20.47
N CYS A 162 -7.81 5.15 -20.66
CA CYS A 162 -8.20 4.01 -21.48
C CYS A 162 -7.86 2.69 -20.78
N VAL A 163 -8.70 1.68 -20.99
CA VAL A 163 -8.49 0.36 -20.37
C VAL A 163 -7.47 -0.44 -21.18
N ALA A 164 -6.65 -1.21 -20.48
CA ALA A 164 -5.53 -1.93 -21.09
C ALA A 164 -5.35 -3.29 -20.42
N ASP A 165 -4.43 -4.10 -20.97
CA ASP A 165 -4.07 -5.43 -20.43
C ASP A 165 -5.18 -6.47 -20.51
N PHE A 166 -5.29 -7.07 -21.69
CA PHE A 166 -6.37 -7.99 -22.04
C PHE A 166 -5.89 -9.44 -22.04
N PRO A 187 -5.21 -11.72 -9.04
CA PRO A 187 -5.56 -10.61 -8.15
C PRO A 187 -6.89 -10.86 -7.44
N VAL A 188 -6.81 -11.35 -6.21
CA VAL A 188 -7.97 -11.91 -5.50
C VAL A 188 -9.05 -10.87 -5.22
N LYS A 189 -8.63 -9.68 -4.79
CA LYS A 189 -9.54 -8.66 -4.26
C LYS A 189 -10.38 -7.91 -5.31
N TRP A 190 -10.19 -8.22 -6.60
CA TRP A 190 -11.02 -7.68 -7.67
C TRP A 190 -11.96 -8.72 -8.28
N ILE A 191 -11.80 -10.00 -7.89
CA ILE A 191 -12.62 -11.10 -8.41
C ILE A 191 -13.91 -11.23 -7.59
N ALA A 192 -15.01 -11.55 -8.28
CA ALA A 192 -16.32 -11.66 -7.66
C ALA A 192 -16.55 -13.03 -6.99
N ILE A 193 -17.65 -13.10 -6.22
CA ILE A 193 -18.01 -14.30 -5.44
C ILE A 193 -18.14 -15.52 -6.34
N GLU A 194 -19.08 -15.45 -7.28
CA GLU A 194 -19.38 -16.56 -8.19
C GLU A 194 -18.14 -17.13 -8.92
N SER A 195 -17.18 -16.26 -9.23
CA SER A 195 -15.93 -16.66 -9.89
C SER A 195 -14.91 -17.39 -8.98
N LEU A 196 -15.33 -17.79 -7.77
CA LEU A 196 -14.50 -18.57 -6.85
C LEU A 196 -15.24 -19.82 -6.38
N TYR A 201 -15.97 -16.89 -15.35
CA TYR A 201 -15.99 -15.41 -15.53
C TYR A 201 -16.99 -14.99 -16.60
N THR A 202 -17.81 -14.00 -16.25
CA THR A 202 -18.82 -13.45 -17.14
C THR A 202 -18.61 -11.94 -17.27
N SER A 203 -19.48 -11.25 -17.98
CA SER A 203 -19.41 -9.80 -18.07
C SER A 203 -19.76 -9.12 -16.74
N LYS A 204 -20.51 -9.82 -15.89
CA LYS A 204 -20.88 -9.29 -14.58
C LYS A 204 -19.77 -9.44 -13.52
N SER A 205 -18.81 -10.34 -13.72
CA SER A 205 -17.59 -10.36 -12.89
C SER A 205 -16.63 -9.23 -13.28
N ASP A 206 -16.67 -8.81 -14.54
CA ASP A 206 -16.04 -7.56 -14.97
C ASP A 206 -16.66 -6.34 -14.29
N VAL A 207 -17.99 -6.35 -14.10
CA VAL A 207 -18.67 -5.24 -13.42
C VAL A 207 -18.22 -5.14 -11.96
N TRP A 208 -18.04 -6.28 -11.31
CA TRP A 208 -17.56 -6.34 -9.92
C TRP A 208 -16.21 -5.63 -9.80
N ALA A 209 -15.27 -6.02 -10.67
CA ALA A 209 -13.93 -5.44 -10.71
C ALA A 209 -13.92 -3.94 -11.02
N PHE A 210 -14.87 -3.50 -11.85
CA PHE A 210 -15.08 -2.07 -12.11
C PHE A 210 -15.47 -1.32 -10.84
N GLY A 211 -16.42 -1.86 -10.07
CA GLY A 211 -16.77 -1.33 -8.77
C GLY A 211 -15.56 -1.19 -7.85
N VAL A 212 -14.70 -2.21 -7.84
CA VAL A 212 -13.48 -2.16 -7.03
C VAL A 212 -12.57 -1.03 -7.55
N THR A 213 -12.43 -0.92 -8.86
CA THR A 213 -11.66 0.17 -9.48
C THR A 213 -12.25 1.56 -9.15
N MET A 214 -13.59 1.67 -9.12
CA MET A 214 -14.24 2.92 -8.68
C MET A 214 -13.84 3.29 -7.25
N TRP A 215 -13.80 2.27 -6.39
CA TRP A 215 -13.35 2.43 -5.00
C TRP A 215 -11.89 2.90 -4.94
N GLU A 216 -11.02 2.26 -5.72
CA GLU A 216 -9.60 2.65 -5.82
C GLU A 216 -9.43 4.13 -6.16
N ILE A 217 -10.22 4.59 -7.13
CA ILE A 217 -10.19 5.98 -7.60
C ILE A 217 -10.71 6.93 -6.52
N ALA A 218 -11.82 6.54 -5.88
CA ALA A 218 -12.43 7.34 -4.81
C ALA A 218 -11.53 7.46 -3.57
N THR A 219 -10.80 6.40 -3.27
CA THR A 219 -9.84 6.38 -2.16
C THR A 219 -8.46 6.92 -2.56
N ARG A 220 -8.28 7.28 -3.83
CA ARG A 220 -6.99 7.71 -4.37
C ARG A 220 -5.91 6.68 -4.07
N GLY A 221 -6.18 5.44 -4.46
CA GLY A 221 -5.19 4.37 -4.46
C GLY A 221 -5.01 3.54 -3.20
N MET A 222 -6.08 3.37 -2.42
CA MET A 222 -6.04 2.41 -1.30
C MET A 222 -6.13 1.00 -1.83
N THR A 223 -5.40 0.09 -1.20
CA THR A 223 -5.60 -1.34 -1.46
C THR A 223 -6.96 -1.75 -0.91
N PRO A 224 -7.77 -2.50 -1.70
CA PRO A 224 -9.08 -2.95 -1.21
C PRO A 224 -9.01 -3.77 0.08
N TYR A 225 -10.01 -3.59 0.94
CA TYR A 225 -10.22 -4.43 2.13
C TYR A 225 -9.05 -4.32 3.12
N PRO A 226 -8.87 -3.14 3.75
CA PRO A 226 -7.85 -2.98 4.77
C PRO A 226 -8.14 -3.84 6.00
N GLY A 227 -7.10 -4.47 6.55
CA GLY A 227 -7.27 -5.47 7.62
C GLY A 227 -8.01 -6.72 7.18
N VAL A 228 -7.80 -7.14 5.92
CA VAL A 228 -8.34 -8.39 5.41
C VAL A 228 -7.28 -9.02 4.51
N GLN A 229 -7.01 -10.32 4.73
CA GLN A 229 -6.01 -11.05 3.95
C GLN A 229 -6.65 -11.72 2.73
N ASN A 230 -5.82 -12.09 1.76
CA ASN A 230 -6.30 -12.65 0.49
C ASN A 230 -7.02 -13.98 0.63
N HIS A 231 -6.45 -14.90 1.41
CA HIS A 231 -7.11 -16.17 1.75
C HIS A 231 -8.45 -15.96 2.47
N GLU A 232 -8.56 -14.88 3.25
CA GLU A 232 -9.76 -14.56 4.01
C GLU A 232 -10.92 -14.02 3.16
N MET A 233 -10.64 -13.56 1.93
CA MET A 233 -11.63 -12.85 1.10
C MET A 233 -12.94 -13.59 0.84
N TYR A 234 -12.84 -14.85 0.41
CA TYR A 234 -14.03 -15.62 0.02
C TYR A 234 -15.08 -15.68 1.14
N ASP A 235 -14.64 -15.96 2.36
CA ASP A 235 -15.52 -15.98 3.53
C ASP A 235 -16.00 -14.58 3.92
N TYR A 236 -15.13 -13.58 3.81
CA TYR A 236 -15.50 -12.17 4.07
C TYR A 236 -16.65 -11.73 3.17
N LEU A 237 -16.59 -12.10 1.89
CA LEU A 237 -17.65 -11.83 0.94
C LEU A 237 -18.88 -12.72 1.14
N LEU A 238 -18.64 -14.00 1.50
CA LEU A 238 -19.73 -14.97 1.75
C LEU A 238 -20.73 -14.49 2.81
N HIS A 239 -20.22 -13.85 3.86
CA HIS A 239 -21.05 -13.28 4.93
C HIS A 239 -21.67 -11.91 4.60
N GLY A 240 -21.46 -11.42 3.37
CA GLY A 240 -22.13 -10.22 2.87
C GLY A 240 -21.41 -8.91 3.14
N HIS A 241 -20.12 -8.97 3.48
CA HIS A 241 -19.34 -7.75 3.70
C HIS A 241 -18.77 -7.25 2.38
N ARG A 242 -18.75 -5.93 2.22
CA ARG A 242 -18.24 -5.28 1.01
C ARG A 242 -17.28 -4.13 1.36
N LEU A 243 -16.61 -3.60 0.34
CA LEU A 243 -15.74 -2.42 0.51
C LEU A 243 -16.50 -1.28 1.17
N LYS A 244 -15.90 -0.69 2.21
CA LYS A 244 -16.56 0.36 2.98
C LYS A 244 -16.57 1.68 2.21
N GLN A 245 -17.52 2.53 2.55
CA GLN A 245 -17.68 3.83 1.90
C GLN A 245 -16.50 4.76 2.24
N PRO A 246 -15.78 5.26 1.21
CA PRO A 246 -14.67 6.22 1.45
C PRO A 246 -15.08 7.54 2.14
N GLU A 247 -14.08 8.35 2.48
CA GLU A 247 -14.23 9.43 3.48
C GLU A 247 -15.24 10.52 3.11
N ASP A 248 -14.87 11.39 2.17
CA ASP A 248 -15.72 12.53 1.79
C ASP A 248 -16.41 12.23 0.45
N CYS A 249 -16.99 11.04 0.38
CA CYS A 249 -17.48 10.45 -0.86
C CYS A 249 -18.99 10.31 -0.81
N LEU A 250 -19.65 10.72 -1.89
CA LEU A 250 -21.10 10.89 -1.91
C LEU A 250 -21.84 9.57 -1.82
N ASP A 251 -23.02 9.61 -1.23
CA ASP A 251 -23.89 8.44 -1.10
C ASP A 251 -24.35 7.94 -2.46
N GLU A 252 -24.55 8.88 -3.39
CA GLU A 252 -24.98 8.58 -4.76
C GLU A 252 -23.90 7.77 -5.47
N LEU A 253 -22.64 8.18 -5.29
CA LEU A 253 -21.51 7.46 -5.84
C LEU A 253 -21.34 6.08 -5.20
N TYR A 254 -21.49 6.00 -3.88
CA TYR A 254 -21.32 4.72 -3.19
C TYR A 254 -22.44 3.74 -3.59
N GLU A 255 -23.65 4.25 -3.77
CA GLU A 255 -24.76 3.45 -4.33
C GLU A 255 -24.35 2.74 -5.63
N ILE A 256 -23.73 3.50 -6.53
CA ILE A 256 -23.33 2.97 -7.84
C ILE A 256 -22.29 1.86 -7.70
N MET A 257 -21.20 2.12 -6.98
CA MET A 257 -20.15 1.09 -6.80
C MET A 257 -20.65 -0.10 -5.98
N TYR A 258 -21.49 0.13 -4.98
CA TYR A 258 -22.09 -0.97 -4.21
C TYR A 258 -22.93 -1.90 -5.08
N SER A 259 -23.67 -1.33 -6.03
CA SER A 259 -24.49 -2.12 -6.96
C SER A 259 -23.69 -3.09 -7.82
N CYS A 260 -22.40 -2.80 -8.04
CA CYS A 260 -21.51 -3.74 -8.72
C CYS A 260 -21.20 -5.01 -7.93
N TRP A 261 -21.38 -4.98 -6.61
CA TRP A 261 -21.00 -6.13 -5.78
C TRP A 261 -22.17 -6.95 -5.23
N ARG A 262 -23.35 -6.85 -5.84
CA ARG A 262 -24.48 -7.68 -5.40
C ARG A 262 -24.15 -9.15 -5.61
N THR A 263 -24.67 -10.01 -4.72
CA THR A 263 -24.31 -11.44 -4.69
C THR A 263 -24.67 -12.13 -6.00
N ASP A 264 -25.89 -11.89 -6.46
CA ASP A 264 -26.40 -12.41 -7.73
C ASP A 264 -25.84 -11.57 -8.88
N PRO A 265 -25.10 -12.19 -9.83
CA PRO A 265 -24.60 -11.42 -10.98
C PRO A 265 -25.67 -10.66 -11.75
N LEU A 266 -26.84 -11.28 -11.90
CA LEU A 266 -27.93 -10.69 -12.70
C LEU A 266 -28.53 -9.44 -12.06
N ASP A 267 -28.33 -9.27 -10.75
CA ASP A 267 -28.76 -8.05 -10.06
C ASP A 267 -27.86 -6.84 -10.34
N ARG A 268 -26.62 -7.08 -10.75
CA ARG A 268 -25.68 -5.99 -11.06
C ARG A 268 -26.12 -5.25 -12.34
N PRO A 269 -25.82 -3.93 -12.43
CA PRO A 269 -26.09 -3.18 -13.66
C PRO A 269 -25.09 -3.49 -14.76
N THR A 270 -25.48 -3.19 -16.00
CA THR A 270 -24.57 -3.31 -17.14
C THR A 270 -23.66 -2.09 -17.18
N PHE A 271 -22.57 -2.18 -17.93
CA PHE A 271 -21.64 -1.05 -18.09
C PHE A 271 -22.30 0.18 -18.70
N SER A 272 -23.28 -0.02 -19.58
CA SER A 272 -24.04 1.10 -20.15
C SER A 272 -24.95 1.76 -19.10
N VAL A 273 -25.59 0.96 -18.26
CA VAL A 273 -26.35 1.52 -17.12
C VAL A 273 -25.40 2.31 -16.22
N LEU A 274 -24.27 1.69 -15.87
CA LEU A 274 -23.25 2.33 -15.04
C LEU A 274 -22.73 3.63 -15.63
N ARG A 275 -22.47 3.60 -16.94
CA ARG A 275 -21.92 4.76 -17.62
C ARG A 275 -22.88 5.97 -17.54
N LEU A 276 -24.18 5.73 -17.72
CA LEU A 276 -25.16 6.82 -17.66
C LEU A 276 -25.29 7.39 -16.26
N GLN A 277 -25.31 6.51 -15.27
CA GLN A 277 -25.35 6.91 -13.85
C GLN A 277 -24.18 7.80 -13.45
N LEU A 278 -22.98 7.44 -13.90
CA LEU A 278 -21.78 8.24 -13.64
C LEU A 278 -21.77 9.55 -14.40
N GLU A 279 -22.19 9.53 -15.67
CA GLU A 279 -22.30 10.75 -16.49
C GLU A 279 -23.28 11.77 -15.88
N LYS A 280 -24.46 11.31 -15.47
CA LYS A 280 -25.46 12.20 -14.88
C LYS A 280 -25.07 12.70 -13.49
N LEU A 281 -24.41 11.85 -12.70
CA LEU A 281 -23.86 12.27 -11.41
C LEU A 281 -22.80 13.36 -11.61
N LEU A 282 -21.93 13.17 -12.59
CA LEU A 282 -20.93 14.18 -12.94
C LEU A 282 -21.58 15.50 -13.34
N GLU A 283 -22.61 15.44 -14.18
CA GLU A 283 -23.32 16.66 -14.62
C GLU A 283 -23.99 17.45 -13.49
N SER A 284 -24.35 16.77 -12.41
CA SER A 284 -25.02 17.41 -11.27
C SER A 284 -24.06 17.99 -10.21
N LEU A 285 -22.96 18.63 -10.64
CA LEU A 285 -21.99 19.23 -9.72
C LEU A 285 -21.65 20.66 -10.12
N LEU B 1 19.69 -19.29 32.91
CA LEU B 1 19.25 -17.86 32.88
C LEU B 1 17.77 -17.80 32.51
N GLU B 2 16.96 -18.46 33.33
CA GLU B 2 15.52 -18.56 33.15
C GLU B 2 14.78 -17.62 34.12
N ASP B 3 15.24 -16.38 34.19
CA ASP B 3 14.62 -15.37 35.07
C ASP B 3 13.31 -14.82 34.52
N VAL B 4 13.08 -14.99 33.21
CA VAL B 4 11.91 -14.42 32.52
C VAL B 4 10.86 -15.46 32.11
N VAL B 5 11.06 -16.73 32.49
CA VAL B 5 10.19 -17.84 32.05
C VAL B 5 8.86 -17.86 32.82
N ILE B 6 7.81 -18.34 32.16
CA ILE B 6 6.50 -18.59 32.73
C ILE B 6 6.17 -20.08 32.54
N ASP B 7 5.49 -20.68 33.52
CA ASP B 7 5.03 -22.07 33.43
C ASP B 7 3.95 -22.21 32.35
N ARG B 8 4.19 -23.11 31.40
CA ARG B 8 3.31 -23.30 30.23
C ARG B 8 1.82 -23.49 30.58
N ASN B 9 1.53 -24.17 31.70
CA ASN B 9 0.13 -24.41 32.12
C ASN B 9 -0.66 -23.14 32.51
N LEU B 10 0.04 -22.05 32.83
CA LEU B 10 -0.61 -20.75 33.07
C LEU B 10 -1.16 -20.09 31.79
N LEU B 11 -0.74 -20.61 30.62
CA LEU B 11 -1.09 -20.04 29.33
C LEU B 11 -2.10 -20.92 28.58
N ILE B 12 -3.11 -20.28 28.01
CA ILE B 12 -4.11 -20.93 27.15
C ILE B 12 -4.12 -20.15 25.84
N LEU B 13 -3.79 -20.82 24.73
CA LEU B 13 -3.76 -20.20 23.40
C LEU B 13 -5.09 -20.34 22.70
N GLY B 14 -5.32 -19.48 21.70
CA GLY B 14 -6.54 -19.48 20.89
C GLY B 14 -6.29 -19.21 19.42
N LYS B 15 -7.11 -18.33 18.84
CA LYS B 15 -7.08 -18.06 17.39
C LYS B 15 -5.88 -17.20 16.99
N ILE B 16 -5.65 -17.09 15.68
CA ILE B 16 -4.51 -16.36 15.12
C ILE B 16 -4.84 -14.86 14.98
N LEU B 17 -3.83 -14.01 15.14
CA LEU B 17 -3.99 -12.55 15.00
C LEU B 17 -3.13 -12.01 13.88
N SER B 24 3.61 -17.46 13.71
CA SER B 24 2.25 -16.88 13.94
C SER B 24 2.16 -16.16 15.29
N VAL B 25 1.40 -15.06 15.31
CA VAL B 25 1.00 -14.42 16.56
C VAL B 25 -0.41 -14.90 16.90
N MET B 26 -0.55 -15.51 18.07
CA MET B 26 -1.83 -16.05 18.56
C MET B 26 -2.36 -15.24 19.73
N GLU B 27 -3.68 -15.17 19.85
CA GLU B 27 -4.29 -14.68 21.09
C GLU B 27 -4.14 -15.72 22.19
N GLY B 28 -4.14 -15.26 23.43
CA GLY B 28 -4.04 -16.15 24.58
C GLY B 28 -4.58 -15.56 25.87
N ASN B 29 -4.69 -16.44 26.87
CA ASN B 29 -5.07 -16.07 28.23
C ASN B 29 -3.93 -16.46 29.17
N LEU B 30 -3.41 -15.47 29.90
CA LEU B 30 -2.37 -15.71 30.89
C LEU B 30 -2.96 -15.62 32.30
N LYS B 31 -2.85 -16.71 33.06
CA LYS B 31 -3.20 -16.71 34.49
C LYS B 31 -2.08 -16.01 35.25
N GLN B 32 -2.41 -14.90 35.92
CA GLN B 32 -1.42 -14.09 36.64
C GLN B 32 -1.25 -14.59 38.08
N GLU B 33 -0.21 -14.08 38.76
CA GLU B 33 0.12 -14.51 40.12
C GLU B 33 -0.94 -14.08 41.14
N ASP B 34 -1.65 -12.98 40.86
CA ASP B 34 -2.80 -12.56 41.70
C ASP B 34 -4.09 -13.36 41.45
N GLY B 35 -4.02 -14.44 40.65
CA GLY B 35 -5.19 -15.31 40.40
C GLY B 35 -5.96 -15.02 39.13
N THR B 36 -6.02 -13.73 38.73
CA THR B 36 -6.81 -13.29 37.58
C THR B 36 -6.17 -13.68 36.25
N SER B 37 -6.97 -13.61 35.19
CA SER B 37 -6.50 -13.90 33.83
C SER B 37 -6.52 -12.66 32.96
N LEU B 38 -5.51 -12.56 32.10
CA LEU B 38 -5.27 -11.41 31.24
C LEU B 38 -5.18 -11.86 29.79
N LYS B 39 -5.82 -11.09 28.90
CA LYS B 39 -5.72 -11.37 27.47
C LYS B 39 -4.32 -11.01 27.02
N VAL B 40 -3.68 -11.91 26.27
CA VAL B 40 -2.33 -11.68 25.79
C VAL B 40 -2.21 -12.03 24.32
N ALA B 41 -1.14 -11.52 23.71
CA ALA B 41 -0.72 -11.91 22.38
C ALA B 41 0.55 -12.74 22.55
N VAL B 42 0.66 -13.81 21.77
CA VAL B 42 1.77 -14.74 21.90
C VAL B 42 2.43 -14.95 20.53
N LYS B 43 3.58 -14.31 20.32
CA LYS B 43 4.43 -14.57 19.15
C LYS B 43 5.19 -15.89 19.34
N THR B 44 5.13 -16.75 18.31
CA THR B 44 5.69 -18.09 18.37
C THR B 44 6.97 -18.06 17.49
N MET B 45 8.14 -18.15 18.13
CA MET B 45 9.46 -17.82 17.51
C MET B 45 10.35 -19.02 17.16
N LYS B 46 11.05 -18.91 16.03
CA LYS B 46 11.96 -19.95 15.52
C LYS B 46 13.41 -19.46 15.57
N LEU B 47 14.24 -20.13 16.37
CA LEU B 47 15.66 -19.84 16.46
C LEU B 47 16.50 -20.99 15.91
N ASP B 48 17.61 -20.64 15.27
CA ASP B 48 18.65 -21.57 14.87
C ASP B 48 19.18 -22.32 16.11
N ASN B 49 18.79 -23.59 16.23
CA ASN B 49 19.22 -24.46 17.32
C ASN B 49 20.52 -25.26 17.07
N SER B 50 21.25 -24.95 16.00
CA SER B 50 22.53 -25.63 15.75
C SER B 50 23.60 -25.17 16.75
N SER B 51 23.48 -23.92 17.20
CA SER B 51 24.29 -23.38 18.29
C SER B 51 23.40 -22.95 19.46
N GLN B 52 24.01 -22.58 20.58
CA GLN B 52 23.31 -21.88 21.67
C GLN B 52 23.32 -20.36 21.45
N ARG B 53 24.18 -19.89 20.55
CA ARG B 53 24.29 -18.47 20.15
C ARG B 53 22.97 -17.71 20.05
N GLU B 54 22.02 -18.25 19.29
CA GLU B 54 20.77 -17.53 19.01
C GLU B 54 19.79 -17.52 20.20
N ILE B 55 19.82 -18.57 21.03
CA ILE B 55 18.97 -18.62 22.23
C ILE B 55 19.57 -17.69 23.29
N GLU B 56 20.89 -17.78 23.46
CA GLU B 56 21.62 -16.92 24.41
C GLU B 56 21.36 -15.44 24.12
N GLU B 57 21.55 -15.05 22.86
CA GLU B 57 21.32 -13.65 22.45
C GLU B 57 19.84 -13.25 22.58
N PHE B 58 18.94 -14.20 22.36
CA PHE B 58 17.49 -13.98 22.51
C PHE B 58 17.06 -13.84 23.97
N LEU B 59 17.60 -14.69 24.84
CA LEU B 59 17.26 -14.69 26.26
C LEU B 59 17.68 -13.41 27.00
N SER B 60 18.91 -12.96 26.77
CA SER B 60 19.41 -11.72 27.39
C SER B 60 18.62 -10.50 26.92
N GLU B 61 18.13 -10.55 25.68
CA GLU B 61 17.33 -9.47 25.10
C GLU B 61 15.90 -9.44 25.66
N ALA B 62 15.29 -10.62 25.75
CA ALA B 62 13.96 -10.78 26.37
C ALA B 62 13.99 -10.44 27.86
N ALA B 63 15.12 -10.72 28.51
CA ALA B 63 15.34 -10.32 29.91
C ALA B 63 15.37 -8.80 30.07
N CYS B 64 15.99 -8.11 29.09
CA CYS B 64 15.99 -6.63 29.03
C CYS B 64 14.60 -6.05 28.84
N MET B 65 13.83 -6.67 27.94
CA MET B 65 12.48 -6.20 27.60
C MET B 65 11.49 -6.28 28.77
N LYS B 66 11.58 -7.35 29.57
CA LYS B 66 10.73 -7.50 30.76
C LYS B 66 10.78 -6.25 31.67
N ASP B 67 11.98 -5.67 31.82
CA ASP B 67 12.19 -4.46 32.63
C ASP B 67 11.82 -3.14 31.96
N PHE B 68 11.50 -3.12 30.67
CA PHE B 68 11.10 -1.84 30.09
C PHE B 68 9.79 -1.49 30.79
N SER B 69 9.76 -0.30 31.36
CA SER B 69 8.55 0.24 31.96
C SER B 69 8.40 1.68 31.51
N HIS B 70 7.51 1.89 30.54
CA HIS B 70 7.23 3.21 29.99
C HIS B 70 5.92 3.12 29.21
N PRO B 71 5.04 4.16 29.32
CA PRO B 71 3.71 4.05 28.67
C PRO B 71 3.75 3.81 27.16
N ASN B 72 4.65 4.51 26.47
CA ASN B 72 4.85 4.38 25.02
C ASN B 72 5.84 3.28 24.57
N VAL B 73 6.04 2.26 25.40
CA VAL B 73 6.84 1.10 25.06
C VAL B 73 6.10 -0.15 25.56
N MET B 74 5.90 -1.12 24.66
CA MET B 74 5.24 -2.38 25.02
C MET B 74 6.08 -3.15 26.03
N ARG B 75 5.40 -3.73 27.03
CA ARG B 75 6.07 -4.49 28.07
C ARG B 75 6.07 -5.95 27.67
N LEU B 76 7.20 -6.63 27.88
CA LEU B 76 7.26 -8.09 27.78
C LEU B 76 6.70 -8.60 29.10
N LEU B 77 5.75 -9.52 29.02
CA LEU B 77 5.22 -10.19 30.21
C LEU B 77 6.11 -11.38 30.60
N GLY B 78 6.53 -12.15 29.60
CA GLY B 78 7.41 -13.30 29.85
C GLY B 78 7.65 -14.16 28.62
N VAL B 79 8.24 -15.33 28.85
CA VAL B 79 8.51 -16.32 27.80
C VAL B 79 7.98 -17.68 28.27
N CYS B 80 7.52 -18.50 27.31
CA CYS B 80 7.11 -19.89 27.56
C CYS B 80 7.75 -20.80 26.53
N ILE B 81 7.97 -22.07 26.90
CA ILE B 81 8.59 -23.06 25.99
C ILE B 81 7.62 -24.21 25.67
N LYS B 90 11.02 -24.52 20.59
CA LYS B 90 9.96 -23.51 20.28
C LYS B 90 9.64 -22.67 21.51
N PRO B 91 10.35 -21.55 21.70
CA PRO B 91 9.96 -20.57 22.71
C PRO B 91 8.85 -19.63 22.21
N MET B 92 8.19 -18.95 23.13
CA MET B 92 7.03 -18.10 22.84
C MET B 92 7.09 -16.82 23.66
N VAL B 93 7.07 -15.67 23.00
CA VAL B 93 7.04 -14.38 23.70
C VAL B 93 5.60 -13.99 23.98
N ILE B 94 5.29 -13.73 25.25
CA ILE B 94 3.94 -13.34 25.68
C ILE B 94 3.92 -11.81 25.79
N LEU B 95 2.96 -11.19 25.13
CA LEU B 95 2.82 -9.73 25.12
C LEU B 95 1.39 -9.35 25.50
N PRO B 96 1.17 -8.10 25.94
CA PRO B 96 -0.19 -7.69 26.28
C PRO B 96 -1.09 -7.58 25.06
N PHE B 97 -2.38 -7.93 25.23
CA PHE B 97 -3.35 -7.80 24.15
C PHE B 97 -3.76 -6.34 23.92
N MET B 98 -3.55 -5.88 22.69
CA MET B 98 -3.87 -4.53 22.25
C MET B 98 -5.16 -4.60 21.46
N LYS B 99 -6.27 -4.20 22.08
CA LYS B 99 -7.59 -4.52 21.52
C LYS B 99 -7.97 -3.67 20.30
N TYR B 100 -7.36 -2.49 20.11
CA TYR B 100 -7.53 -1.69 18.87
C TYR B 100 -6.50 -1.98 17.78
N GLY B 101 -5.53 -2.87 18.05
CA GLY B 101 -4.60 -3.36 17.02
C GLY B 101 -3.50 -2.39 16.64
N ASP B 102 -2.90 -2.64 15.48
CA ASP B 102 -1.77 -1.84 14.95
C ASP B 102 -2.18 -0.47 14.40
N LEU B 103 -1.22 0.46 14.37
CA LEU B 103 -1.49 1.85 13.98
C LEU B 103 -1.77 1.99 12.49
N HIS B 104 -0.98 1.26 11.68
CA HIS B 104 -1.11 1.30 10.22
C HIS B 104 -2.55 1.02 9.77
N THR B 105 -3.10 -0.10 10.26
CA THR B 105 -4.46 -0.50 9.93
C THR B 105 -5.51 0.48 10.48
N TYR B 106 -5.25 1.05 11.65
CA TYR B 106 -6.14 2.07 12.23
C TYR B 106 -6.19 3.32 11.34
N LEU B 107 -5.04 3.70 10.79
CA LEU B 107 -4.97 4.83 9.87
C LEU B 107 -5.75 4.57 8.57
N LEU B 108 -5.64 3.35 8.05
CA LEU B 108 -6.38 2.97 6.86
C LEU B 108 -7.88 3.10 7.11
N TYR B 109 -8.37 2.49 8.19
CA TYR B 109 -9.79 2.61 8.56
C TYR B 109 -10.28 4.04 8.74
N SER B 110 -9.41 4.95 9.20
CA SER B 110 -9.79 6.35 9.40
C SER B 110 -10.24 7.06 8.11
N ARG B 111 -9.77 6.57 6.97
CA ARG B 111 -10.21 7.05 5.65
C ARG B 111 -11.54 6.43 5.17
N LEU B 112 -12.08 5.48 5.94
CA LEU B 112 -13.35 4.84 5.66
C LEU B 112 -14.31 5.11 6.82
N HIS B 118 -13.04 10.74 11.29
CA HIS B 118 -11.90 11.55 10.75
C HIS B 118 -10.92 11.99 11.85
N ILE B 119 -9.66 11.58 11.69
CA ILE B 119 -8.60 11.86 12.64
C ILE B 119 -7.99 13.21 12.28
N PRO B 120 -8.08 14.23 13.18
CA PRO B 120 -7.48 15.54 12.89
C PRO B 120 -5.95 15.55 13.02
N LEU B 121 -5.35 16.67 12.61
CA LEU B 121 -3.89 16.82 12.61
C LEU B 121 -3.24 16.67 13.99
N GLN B 122 -3.91 17.14 15.04
CA GLN B 122 -3.37 17.12 16.40
C GLN B 122 -3.26 15.67 16.92
N THR B 123 -4.24 14.84 16.56
CA THR B 123 -4.25 13.44 16.95
C THR B 123 -3.14 12.64 16.25
N LEU B 124 -2.87 12.97 15.00
CA LEU B 124 -1.76 12.36 14.25
C LEU B 124 -0.39 12.74 14.84
N LEU B 125 -0.25 14.00 15.24
CA LEU B 125 0.96 14.48 15.93
C LEU B 125 1.16 13.78 17.28
N LYS B 126 0.07 13.56 18.01
CA LYS B 126 0.14 12.83 19.28
C LYS B 126 0.67 11.42 19.08
N PHE B 127 0.22 10.74 18.03
CA PHE B 127 0.77 9.42 17.65
C PHE B 127 2.28 9.51 17.38
N MET B 128 2.69 10.56 16.68
CA MET B 128 4.11 10.80 16.43
C MET B 128 4.87 11.09 17.72
N VAL B 129 4.29 11.90 18.59
CA VAL B 129 4.91 12.25 19.88
C VAL B 129 5.04 11.00 20.73
N ASP B 130 3.95 10.23 20.83
CA ASP B 130 3.96 8.94 21.56
C ASP B 130 5.12 8.06 21.13
N ILE B 131 5.24 7.85 19.83
CA ILE B 131 6.30 7.01 19.28
C ILE B 131 7.70 7.60 19.61
N ALA B 132 7.83 8.91 19.46
CA ALA B 132 9.07 9.61 19.82
C ALA B 132 9.47 9.40 21.28
N LEU B 133 8.48 9.51 22.18
CA LEU B 133 8.70 9.22 23.61
C LEU B 133 9.14 7.77 23.83
N GLY B 134 8.42 6.84 23.22
CA GLY B 134 8.78 5.43 23.23
C GLY B 134 10.21 5.17 22.77
N MET B 135 10.59 5.81 21.68
CA MET B 135 11.93 5.67 21.12
C MET B 135 12.98 6.40 21.93
N GLU B 136 12.62 7.56 22.50
CA GLU B 136 13.53 8.30 23.39
C GLU B 136 13.97 7.40 24.55
N TYR B 137 12.99 6.76 25.19
CA TYR B 137 13.22 5.80 26.28
C TYR B 137 14.13 4.64 25.89
N LEU B 138 13.80 3.97 24.78
CA LEU B 138 14.62 2.85 24.28
C LEU B 138 16.02 3.30 23.87
N SER B 139 16.11 4.52 23.33
CA SER B 139 17.39 5.09 22.91
C SER B 139 18.31 5.37 24.11
N ASN B 140 17.74 5.80 25.24
CA ASN B 140 18.52 6.03 26.46
C ASN B 140 19.06 4.73 27.08
N ARG B 141 18.32 3.63 26.93
CA ARG B 141 18.80 2.29 27.32
C ARG B 141 19.81 1.70 26.33
N ASN B 142 20.19 2.46 25.29
CA ASN B 142 21.01 1.99 24.17
C ASN B 142 20.48 0.71 23.51
N PHE B 143 19.16 0.64 23.39
CA PHE B 143 18.47 -0.48 22.77
C PHE B 143 18.02 -0.09 21.37
N LEU B 144 18.36 -0.91 20.39
CA LEU B 144 18.07 -0.65 18.98
C LEU B 144 16.84 -1.46 18.56
N HIS B 145 15.83 -0.77 18.02
CA HIS B 145 14.56 -1.40 17.60
C HIS B 145 14.75 -2.32 16.37
N ARG B 146 15.39 -1.78 15.33
CA ARG B 146 15.72 -2.49 14.08
C ARG B 146 14.55 -2.79 13.12
N ASP B 147 13.34 -2.29 13.44
CA ASP B 147 12.13 -2.64 12.68
C ASP B 147 10.97 -1.68 12.99
N LEU B 148 11.25 -0.38 13.01
CA LEU B 148 10.26 0.63 13.37
C LEU B 148 9.42 0.94 12.14
N ALA B 149 8.10 0.80 12.29
CA ALA B 149 7.14 1.11 11.23
C ALA B 149 5.76 1.22 11.84
N ALA B 150 4.83 1.83 11.13
CA ALA B 150 3.45 2.00 11.66
C ALA B 150 2.75 0.68 11.98
N ARG B 151 3.04 -0.36 11.20
CA ARG B 151 2.51 -1.72 11.48
C ARG B 151 3.01 -2.30 12.80
N ASN B 152 4.21 -1.90 13.24
CA ASN B 152 4.79 -2.32 14.52
C ASN B 152 4.48 -1.41 15.71
N CYS B 153 3.69 -0.36 15.49
CA CYS B 153 3.20 0.51 16.57
C CYS B 153 1.76 0.12 16.89
N MET B 154 1.47 -0.13 18.16
CA MET B 154 0.18 -0.65 18.61
C MET B 154 -0.60 0.40 19.39
N LEU B 155 -1.90 0.18 19.50
CA LEU B 155 -2.81 1.14 20.14
C LEU B 155 -3.36 0.60 21.45
N ARG B 156 -3.05 1.27 22.55
CA ARG B 156 -3.62 0.96 23.85
C ARG B 156 -5.09 1.35 23.95
N ASP B 157 -5.74 0.78 24.97
CA ASP B 157 -7.17 1.00 25.25
C ASP B 157 -7.52 2.48 25.51
N ASP B 158 -6.54 3.27 25.94
CA ASP B 158 -6.69 4.73 26.14
C ASP B 158 -6.26 5.61 24.95
N MET B 159 -6.11 5.01 23.77
CA MET B 159 -5.69 5.71 22.53
C MET B 159 -4.22 6.19 22.48
N THR B 160 -3.40 5.79 23.45
CA THR B 160 -1.96 6.08 23.38
C THR B 160 -1.30 5.02 22.52
N VAL B 161 -0.22 5.40 21.85
CA VAL B 161 0.56 4.50 21.02
C VAL B 161 1.76 4.02 21.81
N CYS B 162 2.13 2.76 21.60
CA CYS B 162 3.37 2.23 22.13
C CYS B 162 4.10 1.44 21.04
N VAL B 163 5.42 1.49 21.08
CA VAL B 163 6.26 0.77 20.11
C VAL B 163 6.39 -0.70 20.52
N ALA B 164 6.42 -1.58 19.54
CA ALA B 164 6.43 -3.03 19.76
C ALA B 164 7.31 -3.74 18.74
N ASP B 165 7.47 -5.05 18.92
CA ASP B 165 8.25 -5.92 18.00
C ASP B 165 9.70 -5.44 17.99
N PHE B 166 10.37 -5.52 19.13
CA PHE B 166 11.60 -4.76 19.35
C PHE B 166 12.78 -5.42 18.66
N PRO B 187 12.23 -5.38 5.10
CA PRO B 187 11.41 -4.24 4.75
C PRO B 187 12.27 -3.03 4.38
N VAL B 188 12.86 -3.08 3.19
CA VAL B 188 13.92 -2.14 2.79
C VAL B 188 13.46 -0.68 2.61
N LYS B 189 12.17 -0.45 2.45
CA LYS B 189 11.65 0.93 2.38
C LYS B 189 11.69 1.71 3.72
N TRP B 190 12.01 1.03 4.83
CA TRP B 190 12.27 1.68 6.13
C TRP B 190 13.75 1.70 6.53
N ILE B 191 14.61 0.95 5.83
CA ILE B 191 16.03 0.83 6.18
C ILE B 191 16.81 2.04 5.65
N ALA B 192 17.70 2.57 6.48
CA ALA B 192 18.50 3.76 6.15
C ALA B 192 19.60 3.43 5.14
N ILE B 193 20.04 4.45 4.40
CA ILE B 193 21.07 4.29 3.35
C ILE B 193 22.26 3.45 3.78
N GLU B 194 22.85 3.81 4.92
CA GLU B 194 24.09 3.18 5.40
C GLU B 194 23.85 1.74 5.83
N SER B 195 22.66 1.49 6.40
CA SER B 195 22.26 0.13 6.76
C SER B 195 21.83 -0.66 5.54
N VAL B 200 24.94 -3.03 8.86
CA VAL B 200 25.12 -2.15 10.01
C VAL B 200 23.77 -1.61 10.49
N TYR B 201 23.68 -1.31 11.79
CA TYR B 201 22.49 -0.68 12.36
C TYR B 201 22.84 0.06 13.65
N THR B 202 22.50 1.35 13.69
CA THR B 202 22.79 2.23 14.82
C THR B 202 21.49 2.86 15.31
N SER B 203 21.57 3.75 16.31
CA SER B 203 20.38 4.49 16.77
C SER B 203 19.89 5.46 15.70
N LYS B 204 20.79 5.89 14.80
CA LYS B 204 20.42 6.83 13.74
C LYS B 204 19.73 6.17 12.53
N SER B 205 19.90 4.87 12.36
CA SER B 205 19.07 4.13 11.38
C SER B 205 17.66 3.89 11.93
N ASP B 206 17.52 3.80 13.25
CA ASP B 206 16.21 3.87 13.92
C ASP B 206 15.53 5.21 13.68
N VAL B 207 16.30 6.30 13.69
CA VAL B 207 15.74 7.63 13.44
C VAL B 207 15.19 7.72 12.01
N TRP B 208 15.90 7.14 11.04
CA TRP B 208 15.46 7.11 9.65
C TRP B 208 14.08 6.46 9.54
N ALA B 209 13.95 5.26 10.13
CA ALA B 209 12.70 4.51 10.12
C ALA B 209 11.55 5.26 10.82
N PHE B 210 11.88 6.02 11.86
CA PHE B 210 10.91 6.89 12.53
C PHE B 210 10.37 7.96 11.59
N GLY B 211 11.26 8.62 10.86
CA GLY B 211 10.86 9.56 9.80
C GLY B 211 9.90 8.92 8.78
N VAL B 212 10.20 7.68 8.38
CA VAL B 212 9.32 6.95 7.46
C VAL B 212 7.96 6.71 8.13
N THR B 213 7.98 6.30 9.39
CA THR B 213 6.76 6.12 10.16
C THR B 213 5.95 7.43 10.32
N MET B 214 6.64 8.56 10.50
CA MET B 214 6.00 9.89 10.52
C MET B 214 5.26 10.14 9.21
N TRP B 215 5.92 9.78 8.10
CA TRP B 215 5.35 9.90 6.76
C TRP B 215 4.09 9.02 6.64
N GLU B 216 4.19 7.77 7.09
CA GLU B 216 3.05 6.84 7.09
C GLU B 216 1.83 7.41 7.79
N ILE B 217 2.06 8.02 8.95
CA ILE B 217 1.01 8.63 9.76
C ILE B 217 0.42 9.87 9.07
N ALA B 218 1.30 10.71 8.51
CA ALA B 218 0.88 11.91 7.79
C ALA B 218 0.08 11.61 6.52
N THR B 219 0.44 10.52 5.84
CA THR B 219 -0.28 10.05 4.65
C THR B 219 -1.46 9.14 4.99
N ARG B 220 -1.68 8.85 6.27
CA ARG B 220 -2.71 7.92 6.72
C ARG B 220 -2.59 6.58 5.99
N GLY B 221 -1.38 6.02 6.06
CA GLY B 221 -1.12 4.64 5.65
C GLY B 221 -0.74 4.39 4.20
N MET B 222 -0.08 5.35 3.55
CA MET B 222 0.49 5.10 2.22
C MET B 222 1.74 4.26 2.36
N THR B 223 1.95 3.35 1.41
CA THR B 223 3.22 2.64 1.31
C THR B 223 4.29 3.65 0.85
N PRO B 224 5.47 3.67 1.51
CA PRO B 224 6.53 4.59 1.11
C PRO B 224 6.98 4.42 -0.34
N TYR B 225 7.32 5.55 -0.98
CA TYR B 225 7.93 5.57 -2.30
C TYR B 225 7.02 4.94 -3.37
N PRO B 226 5.86 5.61 -3.65
CA PRO B 226 5.00 5.13 -4.73
C PRO B 226 5.69 5.19 -6.10
N GLY B 227 5.50 4.16 -6.91
CA GLY B 227 6.23 4.01 -8.17
C GLY B 227 7.74 3.80 -8.00
N VAL B 228 8.13 3.11 -6.93
CA VAL B 228 9.53 2.73 -6.71
C VAL B 228 9.53 1.31 -6.15
N GLN B 229 10.36 0.44 -6.74
CA GLN B 229 10.46 -0.97 -6.30
C GLN B 229 11.55 -1.13 -5.25
N ASN B 230 11.49 -2.25 -4.52
CA ASN B 230 12.39 -2.50 -3.39
C ASN B 230 13.86 -2.61 -3.79
N HIS B 231 14.13 -3.37 -4.85
CA HIS B 231 15.49 -3.45 -5.43
C HIS B 231 16.02 -2.09 -5.92
N GLU B 232 15.11 -1.22 -6.36
CA GLU B 232 15.46 0.12 -6.84
C GLU B 232 15.84 1.12 -5.73
N MET B 233 15.49 0.82 -4.46
CA MET B 233 15.61 1.80 -3.36
C MET B 233 17.01 2.37 -3.13
N TYR B 234 18.01 1.49 -3.08
CA TYR B 234 19.37 1.92 -2.76
C TYR B 234 19.88 3.02 -3.70
N ASP B 235 19.67 2.83 -5.00
CA ASP B 235 20.05 3.84 -6.00
C ASP B 235 19.17 5.09 -5.94
N TYR B 236 17.87 4.91 -5.68
CA TYR B 236 16.93 6.03 -5.52
C TYR B 236 17.37 6.97 -4.38
N LEU B 237 17.80 6.38 -3.27
CA LEU B 237 18.35 7.12 -2.15
C LEU B 237 19.76 7.66 -2.43
N LEU B 238 20.59 6.87 -3.14
CA LEU B 238 21.97 7.27 -3.48
C LEU B 238 22.04 8.61 -4.21
N HIS B 239 21.09 8.83 -5.12
CA HIS B 239 20.97 10.08 -5.89
C HIS B 239 20.28 11.24 -5.12
N GLY B 240 19.95 11.02 -3.85
CA GLY B 240 19.46 12.07 -2.96
C GLY B 240 17.96 12.28 -2.98
N HIS B 241 17.19 11.32 -3.48
CA HIS B 241 15.72 11.41 -3.47
C HIS B 241 15.17 10.88 -2.16
N ARG B 242 14.13 11.54 -1.65
CA ARG B 242 13.49 11.18 -0.39
C ARG B 242 11.97 11.14 -0.55
N LEU B 243 11.28 10.63 0.47
CA LEU B 243 9.80 10.63 0.51
C LEU B 243 9.25 12.03 0.30
N LYS B 244 8.29 12.15 -0.60
CA LYS B 244 7.73 13.45 -0.96
C LYS B 244 6.80 13.98 0.13
N GLN B 245 6.65 15.30 0.16
CA GLN B 245 5.82 15.97 1.16
C GLN B 245 4.34 15.62 0.93
N PRO B 246 3.65 15.03 1.95
CA PRO B 246 2.20 14.77 1.84
C PRO B 246 1.31 16.00 1.62
N GLU B 247 0.02 15.76 1.36
CA GLU B 247 -0.88 16.74 0.73
C GLU B 247 -1.09 18.04 1.53
N ASP B 248 -1.87 17.97 2.61
CA ASP B 248 -2.22 19.16 3.39
C ASP B 248 -1.38 19.18 4.67
N CYS B 249 -0.08 18.97 4.49
CA CYS B 249 0.86 18.68 5.57
C CYS B 249 1.85 19.83 5.70
N LEU B 250 2.07 20.26 6.93
CA LEU B 250 2.80 21.51 7.20
C LEU B 250 4.28 21.39 6.85
N ASP B 251 4.86 22.52 6.45
CA ASP B 251 6.29 22.59 6.13
C ASP B 251 7.16 22.33 7.37
N GLU B 252 6.67 22.74 8.53
CA GLU B 252 7.35 22.55 9.82
C GLU B 252 7.45 21.05 10.13
N LEU B 253 6.37 20.34 9.89
CA LEU B 253 6.33 18.89 10.06
C LEU B 253 7.23 18.18 9.06
N TYR B 254 7.19 18.62 7.80
CA TYR B 254 8.00 17.98 6.77
C TYR B 254 9.50 18.22 7.02
N GLU B 255 9.85 19.41 7.51
CA GLU B 255 11.21 19.70 7.98
C GLU B 255 11.71 18.64 8.97
N ILE B 256 10.87 18.31 9.94
CA ILE B 256 11.24 17.35 10.99
C ILE B 256 11.49 15.95 10.40
N MET B 257 10.53 15.43 9.63
CA MET B 257 10.69 14.09 9.03
C MET B 257 11.81 14.03 8.00
N TYR B 258 11.99 15.11 7.23
CA TYR B 258 13.10 15.20 6.27
C TYR B 258 14.47 15.11 6.97
N SER B 259 14.59 15.75 8.13
CA SER B 259 15.83 15.71 8.93
C SER B 259 16.25 14.30 9.37
N CYS B 260 15.28 13.39 9.49
CA CYS B 260 15.58 11.98 9.76
C CYS B 260 16.28 11.26 8.62
N TRP B 261 16.18 11.77 7.39
CA TRP B 261 16.76 11.09 6.22
C TRP B 261 18.03 11.71 5.64
N ARG B 262 18.75 12.52 6.41
CA ARG B 262 20.01 13.09 5.92
C ARG B 262 21.01 11.96 5.68
N THR B 263 21.87 12.15 4.68
CA THR B 263 22.78 11.09 4.21
C THR B 263 23.72 10.64 5.32
N ASP B 264 24.32 11.62 6.00
CA ASP B 264 25.21 11.38 7.13
C ASP B 264 24.38 11.10 8.37
N PRO B 265 24.57 9.91 9.00
CA PRO B 265 23.82 9.61 10.23
C PRO B 265 23.96 10.67 11.32
N LEU B 266 25.17 11.22 11.46
CA LEU B 266 25.46 12.18 12.53
C LEU B 266 24.72 13.51 12.35
N ASP B 267 24.29 13.81 11.12
CA ASP B 267 23.49 15.01 10.85
C ASP B 267 22.03 14.88 11.32
N ARG B 268 21.55 13.65 11.48
CA ARG B 268 20.18 13.44 11.95
C ARG B 268 20.03 13.84 13.42
N PRO B 269 18.84 14.31 13.83
CA PRO B 269 18.59 14.58 15.24
C PRO B 269 18.40 13.31 16.07
N THR B 270 18.55 13.43 17.38
CA THR B 270 18.25 12.33 18.31
C THR B 270 16.75 12.27 18.53
N PHE B 271 16.27 11.15 19.08
CA PHE B 271 14.86 10.98 19.42
C PHE B 271 14.36 12.02 20.42
N SER B 272 15.23 12.45 21.34
CA SER B 272 14.87 13.48 22.31
C SER B 272 14.75 14.86 21.63
N VAL B 273 15.64 15.17 20.70
CA VAL B 273 15.49 16.38 19.88
C VAL B 273 14.17 16.30 19.12
N LEU B 274 13.94 15.18 18.45
CA LEU B 274 12.71 14.95 17.68
C LEU B 274 11.46 15.09 18.54
N ARG B 275 11.51 14.50 19.73
CA ARG B 275 10.36 14.51 20.62
C ARG B 275 9.96 15.93 21.02
N LEU B 276 10.94 16.78 21.32
CA LEU B 276 10.65 18.16 21.69
C LEU B 276 10.08 18.96 20.51
N GLN B 277 10.66 18.77 19.33
CA GLN B 277 10.17 19.43 18.10
C GLN B 277 8.71 19.10 17.80
N LEU B 278 8.34 17.83 17.97
CA LEU B 278 6.97 17.39 17.75
C LEU B 278 6.02 17.90 18.84
N GLU B 279 6.47 17.87 20.09
CA GLU B 279 5.68 18.38 21.22
C GLU B 279 5.37 19.87 21.07
N LYS B 280 6.38 20.66 20.71
CA LYS B 280 6.17 22.12 20.54
C LYS B 280 5.34 22.46 19.29
N LEU B 281 5.52 21.70 18.21
CA LEU B 281 4.68 21.84 17.03
C LEU B 281 3.21 21.54 17.36
N LEU B 282 3.00 20.47 18.12
CA LEU B 282 1.65 20.12 18.58
C LEU B 282 1.04 21.25 19.42
N GLU B 283 1.81 21.80 20.36
CA GLU B 283 1.32 22.89 21.23
C GLU B 283 0.93 24.16 20.46
N SER B 284 1.52 24.38 19.29
CA SER B 284 1.23 25.57 18.48
C SER B 284 0.04 25.40 17.51
N LEU B 285 -1.03 24.73 17.95
CA LEU B 285 -2.23 24.53 17.12
C LEU B 285 -3.50 24.80 17.91
#